data_7S5L
#
_entry.id   7S5L
#
_cell.length_a   85.689
_cell.length_b   101.649
_cell.length_c   46.342
_cell.angle_alpha   90.000
_cell.angle_beta   90.596
_cell.angle_gamma   90.000
#
_symmetry.space_group_name_H-M   'C 1 2 1'
#
loop_
_entity.id
_entity.type
_entity.pdbx_description
1 polymer 'Cembrene A synthase'
2 non-polymer 'CHLORIDE ION'
3 non-polymer 1,2-ETHANEDIOL
4 water water
#
_entity_poly.entity_id   1
_entity_poly.type   'polypeptide(L)'
_entity_poly.pdbx_seq_one_letter_code
;MSGKIVRAPSNWTTPHKKMLKEDEDQELIAFDKLLSWVSETGVGTEEQAKIVFKKINAYFYLRCLYPVLPRDPKSMKIFQ
LNLHFLILGYIIDDAIEKYNENEMKELIAGYNLLQSQVSETFPNFPSIFEMKQLLGNMKNDFSKSAITTMFDYVNKTTLI
LLEEGEIAEHNVLNYRKRLSNAVAVYFDALLSKTKTGCEISDGAMLWRRCFDALAIAVYMLTEVFSKTLVKNHTLPVSEF
YKFYLLSILFCVVINDLHSYERDKLDDTDSVVKVWFKEGSVANMEAATSKVSKILDAIIQQMYLFVEEGKARHPELSEWF
ERIAYMTVGWIYIHKTVVPRYVSSPFQIEVVEIHENMISNWLLKKDAYGQRVVQQFLKNLNDPQKKNIMLYDE
;
_entity_poly.pdbx_strand_id   A
#
# COMPACT_ATOMS: atom_id res chain seq x y z
N SER A 2 -29.11 -7.63 6.56
CA SER A 2 -27.85 -8.01 7.21
C SER A 2 -27.29 -6.87 8.03
N GLY A 3 -26.41 -7.21 8.97
CA GLY A 3 -25.61 -6.24 9.68
C GLY A 3 -24.19 -6.12 9.16
N LYS A 4 -23.88 -6.73 8.03
CA LYS A 4 -22.52 -6.82 7.52
C LYS A 4 -22.40 -6.22 6.12
N ILE A 5 -23.26 -5.25 5.80
CA ILE A 5 -23.36 -4.73 4.43
C ILE A 5 -22.41 -3.55 4.25
N VAL A 6 -21.68 -3.56 3.14
CA VAL A 6 -20.90 -2.41 2.71
C VAL A 6 -21.44 -1.99 1.35
N ARG A 7 -22.00 -0.79 1.27
CA ARG A 7 -22.51 -0.29 0.01
C ARG A 7 -21.40 0.32 -0.84
N ALA A 8 -21.48 0.11 -2.15
CA ALA A 8 -20.48 0.67 -3.05
C ALA A 8 -21.11 0.91 -4.41
N PRO A 9 -20.71 1.97 -5.12
CA PRO A 9 -21.22 2.18 -6.48
C PRO A 9 -20.93 0.98 -7.36
N SER A 10 -21.95 0.58 -8.13
CA SER A 10 -21.79 -0.54 -9.04
C SER A 10 -20.63 -0.31 -10.00
N ASN A 11 -20.47 0.90 -10.51
CA ASN A 11 -19.39 1.10 -11.47
C ASN A 11 -18.03 1.24 -10.82
N TRP A 12 -17.94 1.17 -9.50
CA TRP A 12 -16.64 1.05 -8.84
C TRP A 12 -16.16 -0.40 -8.76
N THR A 13 -17.03 -1.38 -9.04
CA THR A 13 -16.66 -2.78 -9.01
C THR A 13 -16.52 -3.40 -10.39
N THR A 14 -17.01 -2.73 -11.45
CA THR A 14 -16.97 -3.31 -12.78
C THR A 14 -15.57 -3.64 -13.25
N PRO A 15 -14.56 -2.76 -13.08
CA PRO A 15 -13.21 -3.13 -13.57
C PRO A 15 -12.67 -4.39 -12.92
N HIS A 16 -12.91 -4.59 -11.62
CA HIS A 16 -12.38 -5.76 -10.94
C HIS A 16 -13.02 -7.04 -11.44
N LYS A 17 -14.33 -7.03 -11.68
CA LYS A 17 -15.01 -8.23 -12.15
C LYS A 17 -14.46 -8.69 -13.49
N LYS A 18 -14.19 -7.74 -14.39
CA LYS A 18 -13.60 -8.10 -15.68
C LYS A 18 -12.19 -8.62 -15.50
N MET A 19 -11.41 -7.94 -14.66
CA MET A 19 -10.01 -8.31 -14.47
C MET A 19 -9.86 -9.72 -13.92
N LEU A 20 -10.73 -10.11 -12.99
CA LEU A 20 -10.59 -11.42 -12.34
C LEU A 20 -10.90 -12.57 -13.28
N LYS A 21 -11.45 -12.30 -14.47
CA LYS A 21 -11.64 -13.32 -15.48
C LYS A 21 -10.43 -13.49 -16.37
N GLU A 22 -9.44 -12.61 -16.27
CA GLU A 22 -8.25 -12.71 -17.12
C GLU A 22 -7.34 -13.84 -16.66
N ASP A 23 -6.58 -14.38 -17.60
CA ASP A 23 -5.46 -15.24 -17.25
C ASP A 23 -4.31 -14.40 -16.72
N GLU A 24 -3.46 -15.03 -15.91
CA GLU A 24 -2.20 -14.42 -15.53
C GLU A 24 -1.40 -14.04 -16.76
N ASP A 25 -0.84 -12.84 -16.75
CA ASP A 25 0.03 -12.34 -17.82
C ASP A 25 1.46 -12.75 -17.52
N GLN A 26 1.91 -13.86 -18.11
CA GLN A 26 3.21 -14.41 -17.74
C GLN A 26 4.36 -13.53 -18.22
N GLU A 27 4.23 -12.93 -19.40
CA GLU A 27 5.28 -12.05 -19.90
C GLU A 27 5.45 -10.85 -18.97
N LEU A 28 4.34 -10.26 -18.51
CA LEU A 28 4.41 -9.13 -17.61
C LEU A 28 4.94 -9.55 -16.23
N ILE A 29 4.51 -10.71 -15.73
CA ILE A 29 4.99 -11.21 -14.45
C ILE A 29 6.51 -11.35 -14.47
N ALA A 30 7.07 -11.82 -15.59
CA ALA A 30 8.52 -11.89 -15.79
C ALA A 30 9.21 -12.53 -14.58
N PHE A 31 8.77 -13.75 -14.27
CA PHE A 31 9.24 -14.41 -13.06
C PHE A 31 10.74 -14.68 -13.08
N ASP A 32 11.30 -14.96 -14.25
CA ASP A 32 12.75 -15.16 -14.35
C ASP A 32 13.51 -13.90 -13.94
N LYS A 33 12.97 -12.73 -14.27
CA LYS A 33 13.61 -11.49 -13.87
C LYS A 33 13.52 -11.29 -12.36
N LEU A 34 12.42 -11.72 -11.74
CA LEU A 34 12.34 -11.70 -10.28
C LEU A 34 13.40 -12.60 -9.67
N LEU A 35 13.60 -13.80 -10.23
CA LEU A 35 14.61 -14.71 -9.71
C LEU A 35 16.02 -14.12 -9.84
N SER A 36 16.29 -13.37 -10.90
CA SER A 36 17.58 -12.70 -11.01
C SER A 36 17.76 -11.70 -9.89
N TRP A 37 16.68 -11.00 -9.52
CA TRP A 37 16.75 -9.98 -8.48
C TRP A 37 16.90 -10.61 -7.11
N VAL A 38 16.26 -11.76 -6.88
CA VAL A 38 16.54 -12.56 -5.69
C VAL A 38 18.03 -12.79 -5.53
N SER A 39 18.67 -13.27 -6.59
CA SER A 39 20.09 -13.56 -6.49
C SER A 39 20.90 -12.28 -6.25
N GLU A 40 20.54 -11.19 -6.93
CA GLU A 40 21.34 -9.97 -6.81
C GLU A 40 21.17 -9.32 -5.44
N THR A 41 19.96 -9.33 -4.89
CA THR A 41 19.70 -8.63 -3.63
C THR A 41 20.18 -9.43 -2.43
N GLY A 42 20.23 -10.75 -2.54
CA GLY A 42 20.46 -11.58 -1.38
C GLY A 42 19.24 -11.78 -0.52
N VAL A 43 18.07 -11.39 -1.01
CA VAL A 43 16.80 -11.57 -0.31
C VAL A 43 16.10 -12.79 -0.88
N GLY A 44 15.85 -13.79 -0.04
CA GLY A 44 15.07 -14.94 -0.43
C GLY A 44 15.85 -15.97 -1.25
N THR A 45 15.10 -16.99 -1.68
CA THR A 45 15.56 -18.02 -2.59
C THR A 45 14.52 -18.16 -3.69
N GLU A 46 14.86 -18.93 -4.73
CA GLU A 46 13.88 -19.24 -5.76
C GLU A 46 12.65 -19.92 -5.17
N GLU A 47 12.86 -20.94 -4.33
CA GLU A 47 11.74 -21.62 -3.69
C GLU A 47 10.92 -20.65 -2.85
N GLN A 48 11.57 -19.79 -2.07
CA GLN A 48 10.81 -18.86 -1.23
C GLN A 48 10.05 -17.86 -2.08
N ALA A 49 10.64 -17.38 -3.19
CA ALA A 49 9.93 -16.46 -4.06
C ALA A 49 8.66 -17.11 -4.62
N LYS A 50 8.76 -18.39 -5.01
CA LYS A 50 7.59 -19.08 -5.55
C LYS A 50 6.51 -19.24 -4.49
N ILE A 51 6.91 -19.55 -3.25
CA ILE A 51 5.93 -19.74 -2.18
C ILE A 51 5.24 -18.43 -1.84
N VAL A 52 6.02 -17.34 -1.74
CA VAL A 52 5.44 -16.04 -1.43
C VAL A 52 4.50 -15.60 -2.54
N PHE A 53 4.91 -15.80 -3.80
CA PHE A 53 4.06 -15.40 -4.92
C PHE A 53 2.69 -16.07 -4.83
N LYS A 54 2.67 -17.37 -4.48
CA LYS A 54 1.41 -18.09 -4.36
C LYS A 54 0.64 -17.68 -3.12
N LYS A 55 1.34 -17.41 -2.02
CA LYS A 55 0.66 -17.01 -0.78
C LYS A 55 -0.09 -15.70 -0.96
N ILE A 56 0.53 -14.75 -1.67
CA ILE A 56 -0.08 -13.44 -1.92
C ILE A 56 -1.01 -13.50 -3.12
N ASN A 57 -0.85 -14.50 -3.99
CA ASN A 57 -1.46 -14.51 -5.32
C ASN A 57 -1.13 -13.19 -6.01
N ALA A 58 0.19 -12.97 -6.17
CA ALA A 58 0.74 -11.60 -6.22
C ALA A 58 0.28 -10.83 -7.46
N TYR A 59 0.13 -11.50 -8.60
CA TYR A 59 -0.26 -10.76 -9.81
C TYR A 59 -1.69 -10.26 -9.69
N PHE A 60 -2.62 -11.13 -9.31
CA PHE A 60 -3.99 -10.70 -9.11
C PHE A 60 -4.13 -9.76 -7.91
N TYR A 61 -3.25 -9.89 -6.91
CA TYR A 61 -3.25 -8.93 -5.81
C TYR A 61 -3.01 -7.51 -6.32
N LEU A 62 -1.94 -7.32 -7.10
CA LEU A 62 -1.67 -5.98 -7.61
C LEU A 62 -2.73 -5.54 -8.62
N ARG A 63 -3.27 -6.47 -9.41
CA ARG A 63 -4.30 -6.07 -10.36
C ARG A 63 -5.62 -5.70 -9.68
N CYS A 64 -5.87 -6.21 -8.47
CA CYS A 64 -7.03 -5.71 -7.71
C CYS A 64 -6.87 -4.23 -7.39
N LEU A 65 -5.65 -3.80 -7.13
CA LEU A 65 -5.40 -2.39 -6.88
C LEU A 65 -5.44 -1.59 -8.18
N TYR A 66 -5.00 -2.18 -9.29
CA TYR A 66 -4.98 -1.52 -10.59
CA TYR A 66 -4.98 -1.52 -10.59
C TYR A 66 -5.71 -2.40 -11.60
N PRO A 67 -7.05 -2.51 -11.47
CA PRO A 67 -7.80 -3.36 -12.40
C PRO A 67 -7.79 -2.80 -13.81
N VAL A 68 -7.62 -1.49 -13.97
CA VAL A 68 -7.37 -0.87 -15.25
C VAL A 68 -5.90 -0.46 -15.26
N LEU A 69 -5.12 -1.10 -16.12
CA LEU A 69 -3.67 -0.93 -16.12
C LEU A 69 -3.23 -0.41 -17.48
N PRO A 70 -2.64 0.79 -17.55
CA PRO A 70 -2.20 1.29 -18.85
C PRO A 70 -1.04 0.46 -19.39
N ARG A 71 -0.94 0.42 -20.71
CA ARG A 71 0.05 -0.43 -21.36
C ARG A 71 1.23 0.34 -21.94
N ASP A 72 1.39 1.61 -21.59
CA ASP A 72 2.58 2.32 -22.01
C ASP A 72 3.81 1.73 -21.30
N PRO A 73 4.99 1.80 -21.94
CA PRO A 73 6.17 1.12 -21.38
C PRO A 73 6.49 1.53 -19.95
N LYS A 74 6.35 2.82 -19.64
CA LYS A 74 6.65 3.28 -18.29
C LYS A 74 5.74 2.60 -17.26
N SER A 75 4.44 2.56 -17.55
CA SER A 75 3.49 1.91 -16.62
C SER A 75 3.78 0.42 -16.48
N MET A 76 4.03 -0.26 -17.61
CA MET A 76 4.32 -1.69 -17.57
C MET A 76 5.58 -1.97 -16.76
N LYS A 77 6.62 -1.17 -16.96
CA LYS A 77 7.85 -1.37 -16.23
C LYS A 77 7.67 -1.12 -14.74
N ILE A 78 6.93 -0.08 -14.36
CA ILE A 78 6.81 0.17 -12.93
C ILE A 78 5.88 -0.85 -12.29
N PHE A 79 4.86 -1.33 -13.02
CA PHE A 79 4.04 -2.42 -12.50
C PHE A 79 4.89 -3.65 -12.23
N GLN A 80 5.75 -4.01 -13.20
CA GLN A 80 6.56 -5.21 -13.07
C GLN A 80 7.54 -5.08 -11.91
N LEU A 81 8.21 -3.92 -11.80
CA LEU A 81 9.10 -3.68 -10.68
C LEU A 81 8.36 -3.82 -9.36
N ASN A 82 7.15 -3.29 -9.28
CA ASN A 82 6.45 -3.32 -8.00
C ASN A 82 5.85 -4.69 -7.71
N LEU A 83 5.50 -5.46 -8.75
CA LEU A 83 5.15 -6.86 -8.51
C LEU A 83 6.33 -7.61 -7.90
N HIS A 84 7.54 -7.38 -8.44
CA HIS A 84 8.70 -8.05 -7.89
C HIS A 84 9.02 -7.55 -6.49
N PHE A 85 8.86 -6.24 -6.24
CA PHE A 85 9.15 -5.70 -4.92
C PHE A 85 8.11 -6.17 -3.89
N LEU A 86 6.88 -6.44 -4.33
CA LEU A 86 5.91 -7.03 -3.40
C LEU A 86 6.45 -8.33 -2.83
N ILE A 87 7.14 -9.12 -3.66
CA ILE A 87 7.68 -10.39 -3.18
C ILE A 87 8.87 -10.15 -2.26
N LEU A 88 9.87 -9.37 -2.72
CA LEU A 88 11.04 -9.14 -1.88
C LEU A 88 10.68 -8.38 -0.61
N GLY A 89 9.79 -7.39 -0.73
CA GLY A 89 9.36 -6.65 0.45
C GLY A 89 8.67 -7.53 1.46
N TYR A 90 7.85 -8.48 0.99
CA TYR A 90 7.22 -9.41 1.92
C TYR A 90 8.26 -10.23 2.68
N ILE A 91 9.30 -10.68 1.99
CA ILE A 91 10.35 -11.47 2.64
C ILE A 91 11.14 -10.61 3.62
N ILE A 92 11.47 -9.38 3.20
CA ILE A 92 12.15 -8.45 4.10
C ILE A 92 11.32 -8.20 5.34
N ASP A 93 10.03 -7.91 5.14
CA ASP A 93 9.13 -7.63 6.26
C ASP A 93 9.04 -8.81 7.22
N ASP A 94 8.94 -10.03 6.69
CA ASP A 94 8.88 -11.21 7.55
C ASP A 94 10.09 -11.28 8.47
N ALA A 95 11.26 -10.87 7.98
CA ALA A 95 12.47 -10.90 8.80
C ALA A 95 12.54 -9.74 9.77
N ILE A 96 12.37 -8.50 9.29
CA ILE A 96 12.64 -7.37 10.16
C ILE A 96 11.50 -7.08 11.13
N GLU A 97 10.30 -7.63 10.91
CA GLU A 97 9.29 -7.45 11.94
C GLU A 97 9.60 -8.23 13.20
N LYS A 98 10.60 -9.13 13.15
CA LYS A 98 11.08 -9.85 14.32
C LYS A 98 12.27 -9.18 14.99
N TYR A 99 12.81 -8.12 14.38
CA TYR A 99 13.89 -7.36 15.00
C TYR A 99 13.44 -6.76 16.33
N ASN A 100 14.38 -6.68 17.28
CA ASN A 100 14.14 -5.93 18.51
C ASN A 100 14.44 -4.45 18.26
N GLU A 101 14.31 -3.64 19.32
CA GLU A 101 14.46 -2.20 19.20
C GLU A 101 15.84 -1.81 18.69
N ASN A 102 16.89 -2.38 19.27
CA ASN A 102 18.24 -2.00 18.85
C ASN A 102 18.53 -2.45 17.43
N GLU A 103 18.01 -3.60 17.02
CA GLU A 103 18.20 -4.05 15.65
C GLU A 103 17.48 -3.13 14.66
N MET A 104 16.29 -2.65 15.02
CA MET A 104 15.60 -1.70 14.15
C MET A 104 16.33 -0.38 14.10
N LYS A 105 16.88 0.07 15.23
CA LYS A 105 17.64 1.33 15.23
C LYS A 105 18.86 1.21 14.36
N GLU A 106 19.56 0.06 14.42
CA GLU A 106 20.70 -0.17 13.55
C GLU A 106 20.31 -0.16 12.08
N LEU A 107 19.21 -0.82 11.74
CA LEU A 107 18.72 -0.85 10.35
C LEU A 107 18.40 0.55 9.87
N ILE A 108 17.65 1.30 10.68
CA ILE A 108 17.32 2.67 10.32
C ILE A 108 18.57 3.51 10.14
N ALA A 109 19.56 3.33 11.01
CA ALA A 109 20.79 4.11 10.87
C ALA A 109 21.50 3.79 9.55
N GLY A 110 21.58 2.51 9.19
CA GLY A 110 22.18 2.14 7.92
C GLY A 110 21.45 2.74 6.74
N TYR A 111 20.11 2.72 6.77
CA TYR A 111 19.35 3.34 5.69
C TYR A 111 19.66 4.83 5.61
N ASN A 112 19.65 5.51 6.77
CA ASN A 112 19.86 6.95 6.79
C ASN A 112 21.30 7.33 6.42
N LEU A 113 22.26 6.45 6.72
CA LEU A 113 23.64 6.75 6.34
C LEU A 113 23.79 6.79 4.82
N LEU A 114 23.09 5.90 4.13
CA LEU A 114 23.25 5.82 2.68
C LEU A 114 22.41 6.83 1.92
N GLN A 115 21.44 7.46 2.57
CA GLN A 115 20.41 8.20 1.84
CA GLN A 115 20.40 8.21 1.87
C GLN A 115 20.99 9.27 0.95
N SER A 116 21.81 10.16 1.50
CA SER A 116 22.30 11.30 0.72
C SER A 116 23.34 10.85 -0.30
N GLN A 117 24.32 10.05 0.14
CA GLN A 117 25.38 9.66 -0.79
C GLN A 117 24.85 8.86 -1.97
N VAL A 118 23.77 8.11 -1.78
CA VAL A 118 23.17 7.40 -2.90
C VAL A 118 22.34 8.35 -3.76
N SER A 119 21.48 9.15 -3.13
CA SER A 119 20.59 9.99 -3.92
C SER A 119 21.36 11.03 -4.72
N GLU A 120 22.47 11.55 -4.19
CA GLU A 120 23.25 12.58 -4.87
C GLU A 120 23.99 12.06 -6.10
N THR A 121 23.98 10.76 -6.37
CA THR A 121 24.58 10.23 -7.58
C THR A 121 23.64 10.31 -8.79
N PHE A 122 22.38 10.75 -8.60
CA PHE A 122 21.42 10.90 -9.69
C PHE A 122 22.09 11.47 -10.94
N PRO A 123 21.90 10.87 -12.11
CA PRO A 123 21.07 9.70 -12.42
C PRO A 123 21.84 8.37 -12.47
N ASN A 124 23.08 8.36 -12.03
CA ASN A 124 23.96 7.19 -12.17
C ASN A 124 24.09 6.50 -10.81
N PHE A 125 23.04 5.79 -10.43
CA PHE A 125 22.96 5.24 -9.10
C PHE A 125 23.88 4.02 -8.95
N PRO A 126 24.41 3.81 -7.74
CA PRO A 126 25.24 2.63 -7.51
C PRO A 126 24.42 1.36 -7.49
N SER A 127 25.03 0.29 -7.99
CA SER A 127 24.46 -1.05 -7.91
C SER A 127 24.36 -1.52 -6.46
N ILE A 128 23.61 -2.61 -6.29
CA ILE A 128 23.50 -3.24 -4.97
C ILE A 128 24.87 -3.61 -4.44
N PHE A 129 25.73 -4.19 -5.29
CA PHE A 129 27.07 -4.55 -4.83
C PHE A 129 27.82 -3.32 -4.31
N GLU A 130 27.79 -2.23 -5.08
CA GLU A 130 28.50 -1.03 -4.63
C GLU A 130 27.90 -0.50 -3.34
N MET A 131 26.56 -0.49 -3.23
CA MET A 131 25.93 0.03 -2.03
C MET A 131 26.26 -0.81 -0.80
N LYS A 132 26.35 -2.14 -0.95
CA LYS A 132 26.71 -2.96 0.20
C LYS A 132 28.11 -2.65 0.70
N GLN A 133 29.03 -2.30 -0.21
CA GLN A 133 30.36 -1.86 0.20
C GLN A 133 30.32 -0.56 1.00
N LEU A 134 29.33 0.29 0.73
CA LEU A 134 29.26 1.58 1.42
C LEU A 134 28.85 1.44 2.88
N LEU A 135 28.02 0.45 3.19
N LEU A 135 28.12 0.39 3.24
CA LEU A 135 27.46 0.37 4.53
CA LEU A 135 27.44 0.35 4.54
C LEU A 135 28.53 0.01 5.55
C LEU A 135 28.36 0.12 5.73
N GLY A 136 28.43 0.61 6.72
N GLY A 136 29.61 -0.32 5.52
CA GLY A 136 29.27 0.21 7.83
CA GLY A 136 30.37 -0.67 6.70
C GLY A 136 28.93 -1.19 8.29
C GLY A 136 29.81 -1.93 7.37
N ASN A 137 29.80 -1.72 9.16
N ASN A 137 29.92 -1.99 8.69
CA ASN A 137 29.53 -3.04 9.71
CA ASN A 137 29.50 -3.17 9.45
C ASN A 137 28.21 -3.02 10.46
C ASN A 137 28.16 -2.96 10.15
N MET A 138 27.40 -4.05 10.24
CA MET A 138 26.13 -4.17 10.93
C MET A 138 26.12 -5.48 11.69
N LYS A 139 25.57 -5.47 12.90
CA LYS A 139 25.52 -6.68 13.71
C LYS A 139 24.63 -7.75 13.06
N ASN A 140 23.51 -7.33 12.48
CA ASN A 140 22.59 -8.24 11.80
C ASN A 140 22.90 -8.16 10.30
N ASP A 141 23.42 -9.25 9.74
CA ASP A 141 23.86 -9.21 8.35
C ASP A 141 22.70 -9.03 7.38
N PHE A 142 21.50 -9.53 7.72
CA PHE A 142 20.38 -9.37 6.80
C PHE A 142 20.04 -7.91 6.58
N SER A 143 20.37 -7.04 7.54
CA SER A 143 20.03 -5.64 7.40
C SER A 143 20.67 -5.01 6.17
N LYS A 144 21.88 -5.45 5.81
CA LYS A 144 22.50 -4.88 4.62
C LYS A 144 21.68 -5.19 3.37
N SER A 145 21.15 -6.41 3.28
CA SER A 145 20.34 -6.77 2.12
C SER A 145 19.00 -6.05 2.15
N ALA A 146 18.40 -5.90 3.33
CA ALA A 146 17.16 -5.13 3.44
C ALA A 146 17.36 -3.71 2.95
N ILE A 147 18.45 -3.06 3.39
CA ILE A 147 18.67 -1.65 3.07
C ILE A 147 18.94 -1.48 1.58
N THR A 148 19.86 -2.28 1.04
CA THR A 148 20.21 -2.06 -0.37
C THR A 148 19.10 -2.51 -1.32
N THR A 149 18.22 -3.41 -0.88
CA THR A 149 17.05 -3.72 -1.71
C THR A 149 16.10 -2.54 -1.75
N MET A 150 15.84 -1.90 -0.60
CA MET A 150 15.03 -0.68 -0.60
C MET A 150 15.62 0.36 -1.55
N PHE A 151 16.93 0.60 -1.46
CA PHE A 151 17.51 1.61 -2.33
C PHE A 151 17.46 1.20 -3.78
N ASP A 152 17.71 -0.09 -4.08
CA ASP A 152 17.69 -0.52 -5.46
C ASP A 152 16.30 -0.38 -6.06
N TYR A 153 15.27 -0.65 -5.26
CA TYR A 153 13.89 -0.44 -5.69
C TYR A 153 13.62 1.05 -5.96
N VAL A 154 14.04 1.92 -5.06
CA VAL A 154 13.84 3.37 -5.26
C VAL A 154 14.66 3.86 -6.45
N ASN A 155 15.87 3.34 -6.61
CA ASN A 155 16.70 3.75 -7.73
C ASN A 155 16.10 3.29 -9.05
N LYS A 156 15.68 2.01 -9.11
CA LYS A 156 15.07 1.49 -10.35
C LYS A 156 13.79 2.25 -10.69
N THR A 157 12.99 2.59 -9.67
CA THR A 157 11.82 3.45 -9.89
C THR A 157 12.23 4.76 -10.53
N THR A 158 13.26 5.41 -9.98
CA THR A 158 13.71 6.70 -10.51
C THR A 158 14.12 6.58 -11.96
N LEU A 159 14.87 5.53 -12.29
CA LEU A 159 15.37 5.39 -13.66
C LEU A 159 14.23 5.14 -14.65
N ILE A 160 13.22 4.38 -14.24
CA ILE A 160 12.06 4.16 -15.11
C ILE A 160 11.39 5.49 -15.41
N LEU A 161 11.17 6.31 -14.38
CA LEU A 161 10.50 7.58 -14.57
C LEU A 161 11.31 8.53 -15.44
N LEU A 162 12.63 8.41 -15.42
CA LEU A 162 13.48 9.28 -16.22
C LEU A 162 13.46 8.93 -17.70
N GLU A 163 13.06 7.71 -18.07
CA GLU A 163 13.20 7.27 -19.45
C GLU A 163 12.49 8.22 -20.41
N GLU A 164 13.20 8.58 -21.48
CA GLU A 164 12.71 9.43 -22.57
C GLU A 164 12.42 10.87 -22.14
N GLY A 165 12.69 11.22 -20.89
CA GLY A 165 12.59 12.59 -20.44
C GLY A 165 11.20 13.19 -20.49
N GLU A 166 10.15 12.35 -20.45
CA GLU A 166 8.78 12.87 -20.52
C GLU A 166 8.38 13.58 -19.24
N ILE A 167 8.84 13.09 -18.10
CA ILE A 167 8.56 13.71 -16.82
C ILE A 167 9.73 14.64 -16.49
N ALA A 168 9.43 15.88 -16.12
CA ALA A 168 10.49 16.81 -15.76
C ALA A 168 11.29 16.26 -14.57
N GLU A 169 12.60 16.52 -14.58
CA GLU A 169 13.46 15.90 -13.57
C GLU A 169 13.05 16.28 -12.16
N HIS A 170 12.65 17.54 -11.93
CA HIS A 170 12.29 17.92 -10.57
C HIS A 170 11.10 17.14 -10.06
N ASN A 171 10.18 16.74 -10.95
CA ASN A 171 9.06 15.91 -10.51
C ASN A 171 9.48 14.46 -10.28
N VAL A 172 10.41 13.95 -11.08
CA VAL A 172 10.97 12.63 -10.80
C VAL A 172 11.62 12.62 -9.43
N LEU A 173 12.40 13.65 -9.13
CA LEU A 173 13.12 13.71 -7.85
C LEU A 173 12.16 13.88 -6.68
N ASN A 174 11.09 14.67 -6.87
CA ASN A 174 10.08 14.80 -5.81
C ASN A 174 9.41 13.46 -5.52
N TYR A 175 9.07 12.71 -6.56
CA TYR A 175 8.50 11.38 -6.39
C TYR A 175 9.48 10.47 -5.67
N ARG A 176 10.74 10.48 -6.11
CA ARG A 176 11.77 9.67 -5.45
C ARG A 176 11.84 9.99 -3.97
N LYS A 177 11.87 11.28 -3.62
CA LYS A 177 11.96 11.68 -2.23
C LYS A 177 10.77 11.18 -1.43
N ARG A 178 9.56 11.30 -2.00
CA ARG A 178 8.38 10.83 -1.27
C ARG A 178 8.37 9.31 -1.12
N LEU A 179 8.90 8.59 -2.10
CA LEU A 179 8.98 7.14 -1.97
C LEU A 179 9.99 6.75 -0.89
N SER A 180 11.14 7.44 -0.85
CA SER A 180 12.09 7.19 0.22
CA SER A 180 12.10 7.21 0.22
C SER A 180 11.51 7.57 1.58
N ASN A 181 10.71 8.64 1.64
CA ASN A 181 10.01 8.98 2.88
C ASN A 181 9.11 7.85 3.34
N ALA A 182 8.39 7.23 2.40
CA ALA A 182 7.51 6.12 2.76
C ALA A 182 8.30 4.96 3.35
N VAL A 183 9.48 4.66 2.79
CA VAL A 183 10.32 3.62 3.36
C VAL A 183 10.73 3.97 4.78
N ALA A 184 11.15 5.24 4.99
CA ALA A 184 11.58 5.67 6.31
C ALA A 184 10.45 5.57 7.33
N VAL A 185 9.23 5.93 6.92
CA VAL A 185 8.11 5.88 7.88
C VAL A 185 7.73 4.44 8.17
N TYR A 186 7.90 3.54 7.18
CA TYR A 186 7.68 2.12 7.41
C TYR A 186 8.64 1.59 8.47
N PHE A 187 9.94 1.88 8.34
CA PHE A 187 10.90 1.47 9.36
C PHE A 187 10.56 2.06 10.72
N ASP A 188 10.17 3.34 10.73
CA ASP A 188 9.83 3.98 12.00
C ASP A 188 8.62 3.33 12.64
N ALA A 189 7.66 2.89 11.83
CA ALA A 189 6.48 2.21 12.36
C ALA A 189 6.86 0.89 13.02
N LEU A 190 7.78 0.15 12.40
CA LEU A 190 8.29 -1.08 13.00
C LEU A 190 9.04 -0.80 14.29
N LEU A 191 9.88 0.24 14.30
CA LEU A 191 10.59 0.61 15.52
C LEU A 191 9.62 0.91 16.64
N SER A 192 8.57 1.67 16.34
CA SER A 192 7.59 2.05 17.36
CA SER A 192 7.60 2.04 17.36
C SER A 192 6.97 0.82 18.01
N LYS A 193 6.69 -0.22 17.22
CA LYS A 193 6.07 -1.42 17.78
C LYS A 193 7.00 -2.19 18.71
N THR A 194 8.32 -1.99 18.61
CA THR A 194 9.25 -2.70 19.49
C THR A 194 9.35 -2.09 20.87
N LYS A 195 8.86 -0.87 21.07
CA LYS A 195 8.99 -0.19 22.36
C LYS A 195 7.82 -0.51 23.29
N SER A 201 -2.08 5.38 22.28
CA SER A 201 -3.54 5.37 22.29
C SER A 201 -4.10 4.59 21.11
N ASP A 202 -5.43 4.41 21.10
CA ASP A 202 -6.07 3.68 20.01
C ASP A 202 -5.89 4.39 18.68
N GLY A 203 -6.01 5.73 18.68
CA GLY A 203 -5.89 6.48 17.44
C GLY A 203 -4.48 6.47 16.89
N ALA A 204 -3.47 6.61 17.77
CA ALA A 204 -2.08 6.53 17.32
C ALA A 204 -1.74 5.13 16.82
N MET A 205 -2.29 4.11 17.47
CA MET A 205 -2.14 2.74 17.01
C MET A 205 -2.70 2.57 15.60
N LEU A 206 -3.91 3.10 15.38
CA LEU A 206 -4.55 2.99 14.06
C LEU A 206 -3.78 3.76 13.01
N TRP A 207 -3.27 4.94 13.36
CA TRP A 207 -2.45 5.72 12.44
C TRP A 207 -1.17 4.96 12.10
N ARG A 208 -0.54 4.35 13.10
CA ARG A 208 0.65 3.55 12.85
C ARG A 208 0.38 2.41 11.89
N ARG A 209 -0.82 1.82 12.00
CA ARG A 209 -1.21 0.72 11.12
C ARG A 209 -1.21 1.13 9.66
N CYS A 210 -1.33 2.43 9.37
CA CYS A 210 -1.35 2.88 7.98
C CYS A 210 0.03 2.86 7.34
N PHE A 211 1.11 2.76 8.12
CA PHE A 211 2.45 2.81 7.56
C PHE A 211 3.24 1.53 7.73
N ASP A 212 2.74 0.57 8.52
CA ASP A 212 3.55 -0.60 8.89
C ASP A 212 3.69 -1.61 7.76
N ALA A 213 3.17 -1.30 6.57
CA ALA A 213 3.30 -2.22 5.44
C ALA A 213 3.70 -1.50 4.16
N LEU A 214 4.24 -0.29 4.24
CA LEU A 214 4.73 0.43 3.07
C LEU A 214 3.64 0.60 1.99
N ALA A 215 2.38 0.71 2.41
CA ALA A 215 1.30 0.86 1.43
C ALA A 215 1.45 2.10 0.57
N ILE A 216 2.04 3.18 1.10
CA ILE A 216 2.17 4.40 0.30
C ILE A 216 2.92 4.13 -1.00
N ALA A 217 3.85 3.18 -0.98
CA ALA A 217 4.61 2.88 -2.20
C ALA A 217 3.70 2.41 -3.33
N VAL A 218 2.72 1.56 -3.02
CA VAL A 218 1.84 1.11 -4.11
CA VAL A 218 1.81 1.09 -4.07
C VAL A 218 0.81 2.16 -4.46
N TYR A 219 0.43 3.03 -3.51
CA TYR A 219 -0.50 4.11 -3.85
C TYR A 219 0.15 5.12 -4.79
N MET A 220 1.45 5.39 -4.60
CA MET A 220 2.10 6.39 -5.44
C MET A 220 2.11 5.98 -6.91
N LEU A 221 1.98 4.69 -7.22
CA LEU A 221 1.94 4.26 -8.62
C LEU A 221 0.76 4.87 -9.36
N THR A 222 -0.32 5.21 -8.65
CA THR A 222 -1.46 5.87 -9.31
C THR A 222 -1.01 7.15 -10.00
N GLU A 223 0.00 7.82 -9.47
CA GLU A 223 0.49 9.04 -10.10
C GLU A 223 1.16 8.74 -11.43
N VAL A 224 1.86 7.61 -11.53
CA VAL A 224 2.48 7.24 -12.78
C VAL A 224 1.43 6.82 -13.81
N PHE A 225 0.53 5.91 -13.39
CA PHE A 225 -0.46 5.34 -14.31
C PHE A 225 -1.41 6.40 -14.87
N SER A 226 -1.75 7.42 -14.08
CA SER A 226 -2.68 8.44 -14.53
C SER A 226 -1.99 9.75 -14.91
N LYS A 227 -0.67 9.74 -15.02
CA LYS A 227 0.11 10.83 -15.63
C LYS A 227 0.00 12.14 -14.85
N THR A 228 -0.20 12.06 -13.53
CA THR A 228 -0.24 13.28 -12.73
C THR A 228 1.14 13.94 -12.57
N LEU A 229 2.22 13.25 -12.91
CA LEU A 229 3.54 13.86 -12.89
C LEU A 229 3.84 14.67 -14.14
N VAL A 230 2.96 14.63 -15.15
CA VAL A 230 3.24 15.31 -16.40
C VAL A 230 2.19 16.39 -16.65
N LYS A 231 0.95 16.14 -16.21
CA LYS A 231 -0.11 17.13 -16.36
C LYS A 231 0.15 18.31 -15.43
N ASN A 232 -0.01 19.53 -15.95
CA ASN A 232 -0.10 20.68 -15.06
C ASN A 232 -1.46 20.67 -14.38
N HIS A 233 -1.46 20.65 -13.06
CA HIS A 233 -2.71 20.63 -12.31
C HIS A 233 -2.49 21.42 -11.04
N THR A 234 -3.59 21.68 -10.32
CA THR A 234 -3.56 22.51 -9.13
C THR A 234 -3.94 21.73 -7.87
N LEU A 235 -3.79 20.39 -7.89
CA LEU A 235 -4.01 19.59 -6.70
C LEU A 235 -2.72 19.51 -5.90
N PRO A 236 -2.64 20.13 -4.72
CA PRO A 236 -1.41 20.05 -3.94
C PRO A 236 -1.14 18.64 -3.44
N VAL A 237 0.14 18.37 -3.19
CA VAL A 237 0.54 17.03 -2.77
C VAL A 237 -0.20 16.58 -1.52
N SER A 238 -0.50 17.52 -0.61
CA SER A 238 -1.19 17.12 0.62
C SER A 238 -2.54 16.49 0.33
N GLU A 239 -3.22 16.94 -0.72
CA GLU A 239 -4.52 16.34 -1.05
C GLU A 239 -4.36 14.93 -1.58
N PHE A 240 -3.27 14.65 -2.31
CA PHE A 240 -3.02 13.27 -2.72
C PHE A 240 -3.02 12.34 -1.51
N TYR A 241 -2.34 12.74 -0.43
CA TYR A 241 -2.20 11.87 0.73
C TYR A 241 -3.48 11.77 1.55
N LYS A 242 -4.37 12.77 1.47
CA LYS A 242 -5.72 12.60 2.02
C LYS A 242 -6.42 11.40 1.38
N PHE A 243 -6.39 11.31 0.05
CA PHE A 243 -6.96 10.16 -0.64
C PHE A 243 -6.23 8.87 -0.27
N TYR A 244 -4.89 8.89 -0.30
CA TYR A 244 -4.12 7.69 0.00
C TYR A 244 -4.45 7.16 1.40
N LEU A 245 -4.42 8.04 2.40
CA LEU A 245 -4.57 7.55 3.77
C LEU A 245 -6.00 7.14 4.07
N LEU A 246 -7.00 7.79 3.47
CA LEU A 246 -8.37 7.32 3.63
C LEU A 246 -8.53 5.94 3.02
N SER A 247 -7.92 5.72 1.85
CA SER A 247 -7.98 4.42 1.21
C SER A 247 -7.24 3.37 2.03
N ILE A 248 -6.09 3.73 2.59
CA ILE A 248 -5.34 2.80 3.44
C ILE A 248 -6.15 2.42 4.66
N LEU A 249 -6.89 3.37 5.25
CA LEU A 249 -7.75 3.04 6.38
C LEU A 249 -8.72 1.92 6.03
N PHE A 250 -9.30 1.98 4.82
CA PHE A 250 -10.17 0.90 4.37
C PHE A 250 -9.44 -0.43 4.43
N CYS A 251 -8.23 -0.46 3.91
CA CYS A 251 -7.43 -1.69 3.92
C CYS A 251 -7.17 -2.18 5.34
N VAL A 252 -6.79 -1.26 6.23
CA VAL A 252 -6.47 -1.66 7.60
C VAL A 252 -7.67 -2.34 8.24
N VAL A 253 -8.85 -1.75 8.10
CA VAL A 253 -10.03 -2.22 8.81
C VAL A 253 -10.52 -3.55 8.24
N ILE A 254 -10.58 -3.69 6.91
CA ILE A 254 -11.01 -4.97 6.37
C ILE A 254 -9.98 -6.05 6.66
N ASN A 255 -8.69 -5.68 6.64
CA ASN A 255 -7.65 -6.64 6.96
C ASN A 255 -7.75 -7.09 8.40
N ASP A 256 -8.05 -6.17 9.32
CA ASP A 256 -8.21 -6.56 10.72
C ASP A 256 -9.34 -7.57 10.88
N LEU A 257 -10.42 -7.40 10.12
CA LEU A 257 -11.52 -8.36 10.19
C LEU A 257 -11.08 -9.74 9.71
N HIS A 258 -10.43 -9.79 8.54
CA HIS A 258 -10.05 -11.07 7.95
C HIS A 258 -8.88 -11.74 8.66
N SER A 259 -8.13 -11.00 9.47
CA SER A 259 -6.96 -11.55 10.15
C SER A 259 -7.20 -11.84 11.62
N TYR A 260 -8.42 -11.64 12.12
CA TYR A 260 -8.61 -11.71 13.57
C TYR A 260 -8.30 -13.10 14.12
N GLU A 261 -8.67 -14.16 13.39
CA GLU A 261 -8.39 -15.50 13.89
C GLU A 261 -6.90 -15.72 14.14
N ARG A 262 -6.03 -15.10 13.33
CA ARG A 262 -4.60 -15.17 13.58
C ARG A 262 -4.15 -14.13 14.60
N ASP A 263 -4.64 -12.89 14.46
CA ASP A 263 -4.22 -11.82 15.36
C ASP A 263 -4.62 -12.10 16.80
N LYS A 264 -5.69 -12.89 17.00
CA LYS A 264 -6.07 -13.33 18.35
C LYS A 264 -4.89 -13.88 19.13
N LEU A 265 -3.95 -14.53 18.46
CA LEU A 265 -2.98 -15.40 19.10
C LEU A 265 -1.61 -14.77 19.28
N ASP A 266 -1.33 -13.64 18.64
CA ASP A 266 -0.06 -12.95 18.80
C ASP A 266 -0.33 -11.52 19.29
N ASP A 267 0.70 -10.67 19.21
CA ASP A 267 0.62 -9.31 19.70
C ASP A 267 0.41 -8.29 18.58
N THR A 268 -0.12 -8.72 17.44
CA THR A 268 -0.36 -7.79 16.34
C THR A 268 -1.51 -6.85 16.67
N ASP A 269 -1.38 -5.60 16.24
CA ASP A 269 -2.41 -4.60 16.48
C ASP A 269 -3.64 -4.88 15.62
N SER A 270 -4.82 -4.56 16.16
CA SER A 270 -6.08 -4.81 15.46
C SER A 270 -7.19 -4.01 16.11
N VAL A 271 -8.02 -3.36 15.29
CA VAL A 271 -9.16 -2.63 15.85
C VAL A 271 -10.16 -3.59 16.47
N VAL A 272 -10.26 -4.82 15.95
CA VAL A 272 -11.17 -5.80 16.54
C VAL A 272 -10.67 -6.20 17.92
N LYS A 273 -9.35 -6.35 18.08
CA LYS A 273 -8.79 -6.68 19.38
C LYS A 273 -9.05 -5.56 20.39
N VAL A 274 -8.98 -4.31 19.91
CA VAL A 274 -9.24 -3.18 20.81
C VAL A 274 -10.68 -3.21 21.30
N TRP A 275 -11.63 -3.51 20.40
CA TRP A 275 -13.04 -3.52 20.79
C TRP A 275 -13.30 -4.59 21.83
N PHE A 276 -12.74 -5.79 21.64
CA PHE A 276 -12.93 -6.87 22.61
C PHE A 276 -12.28 -6.52 23.95
N LYS A 277 -11.09 -5.90 23.91
CA LYS A 277 -10.39 -5.56 25.14
C LYS A 277 -11.14 -4.51 25.94
N GLU A 278 -11.67 -3.49 25.27
CA GLU A 278 -12.46 -2.46 25.94
C GLU A 278 -13.88 -2.90 26.22
N GLY A 279 -14.31 -4.04 25.70
CA GLY A 279 -15.65 -4.54 25.95
C GLY A 279 -16.75 -3.87 25.16
N SER A 280 -16.45 -3.29 23.99
CA SER A 280 -17.48 -2.64 23.19
C SER A 280 -18.15 -3.58 22.20
N VAL A 281 -17.60 -4.78 21.99
CA VAL A 281 -18.26 -5.82 21.23
C VAL A 281 -18.22 -7.09 22.08
N ALA A 282 -19.29 -7.89 22.00
CA ALA A 282 -19.38 -9.12 22.77
C ALA A 282 -19.08 -10.36 21.93
N ASN A 283 -19.01 -10.23 20.61
CA ASN A 283 -18.85 -11.38 19.74
C ASN A 283 -18.45 -10.87 18.37
N MET A 284 -18.16 -11.80 17.46
CA MET A 284 -17.74 -11.46 16.12
C MET A 284 -18.88 -10.97 15.23
N GLU A 285 -20.13 -11.32 15.55
CA GLU A 285 -21.25 -10.71 14.84
C GLU A 285 -21.25 -9.21 15.04
N ALA A 286 -21.05 -8.77 16.29
CA ALA A 286 -20.99 -7.35 16.60
C ALA A 286 -19.76 -6.71 16.00
N ALA A 287 -18.61 -7.40 16.04
CA ALA A 287 -17.39 -6.85 15.46
C ALA A 287 -17.52 -6.66 13.96
N THR A 288 -18.11 -7.65 13.28
CA THR A 288 -18.31 -7.55 11.83
C THR A 288 -19.25 -6.40 11.49
N SER A 289 -20.29 -6.20 12.30
CA SER A 289 -21.19 -5.07 12.09
C SER A 289 -20.43 -3.75 12.18
N LYS A 290 -19.63 -3.58 13.24
CA LYS A 290 -18.83 -2.36 13.39
C LYS A 290 -17.89 -2.15 12.21
N VAL A 291 -17.22 -3.23 11.77
CA VAL A 291 -16.32 -3.10 10.61
C VAL A 291 -17.10 -2.67 9.39
N SER A 292 -18.27 -3.26 9.16
CA SER A 292 -19.04 -2.92 7.97
C SER A 292 -19.44 -1.45 7.99
N LYS A 293 -19.81 -0.93 9.16
CA LYS A 293 -20.22 0.47 9.24
C LYS A 293 -19.05 1.41 8.90
N ILE A 294 -17.85 1.06 9.34
CA ILE A 294 -16.66 1.86 9.03
C ILE A 294 -16.33 1.80 7.55
N LEU A 295 -16.24 0.59 6.99
CA LEU A 295 -15.92 0.44 5.58
C LEU A 295 -16.95 1.16 4.71
N ASP A 296 -18.22 0.98 5.05
CA ASP A 296 -19.31 1.64 4.33
C ASP A 296 -19.15 3.16 4.38
N ALA A 297 -18.82 3.70 5.56
CA ALA A 297 -18.64 5.15 5.69
C ALA A 297 -17.44 5.64 4.89
N ILE A 298 -16.37 4.84 4.83
CA ILE A 298 -15.20 5.25 4.05
C ILE A 298 -15.56 5.37 2.58
N ILE A 299 -16.33 4.42 2.05
CA ILE A 299 -16.69 4.47 0.63
C ILE A 299 -17.53 5.71 0.34
N GLN A 300 -18.47 6.05 1.25
CA GLN A 300 -19.23 7.29 1.07
C GLN A 300 -18.32 8.51 1.06
N GLN A 301 -17.41 8.60 2.05
CA GLN A 301 -16.52 9.76 2.11
C GLN A 301 -15.60 9.80 0.90
N MET A 302 -15.10 8.64 0.47
CA MET A 302 -14.27 8.59 -0.73
C MET A 302 -15.05 9.07 -1.95
N TYR A 303 -16.30 8.64 -2.09
CA TYR A 303 -17.13 9.11 -3.20
C TYR A 303 -17.24 10.63 -3.20
N LEU A 304 -17.52 11.21 -2.03
CA LEU A 304 -17.63 12.67 -1.95
C LEU A 304 -16.31 13.35 -2.31
N PHE A 305 -15.18 12.82 -1.81
CA PHE A 305 -13.88 13.39 -2.16
C PHE A 305 -13.59 13.27 -3.64
N VAL A 306 -13.94 12.12 -4.22
CA VAL A 306 -13.71 11.90 -5.66
C VAL A 306 -14.54 12.86 -6.49
N GLU A 307 -15.83 13.01 -6.14
CA GLU A 307 -16.68 13.92 -6.93
C GLU A 307 -16.25 15.36 -6.77
N GLU A 308 -15.89 15.77 -5.55
CA GLU A 308 -15.43 17.13 -5.34
C GLU A 308 -14.09 17.37 -6.04
N GLY A 309 -13.21 16.37 -6.03
CA GLY A 309 -11.96 16.48 -6.75
C GLY A 309 -12.17 16.65 -8.24
N LYS A 310 -13.07 15.85 -8.82
CA LYS A 310 -13.32 15.95 -10.25
C LYS A 310 -13.87 17.31 -10.62
N ALA A 311 -14.72 17.88 -9.76
CA ALA A 311 -15.30 19.19 -10.05
C ALA A 311 -14.23 20.27 -10.03
N ARG A 312 -13.29 20.18 -9.09
CA ARG A 312 -12.28 21.22 -8.92
C ARG A 312 -11.07 21.01 -9.83
N HIS A 313 -10.76 19.77 -10.17
CA HIS A 313 -9.57 19.43 -10.95
C HIS A 313 -9.96 18.43 -12.02
N PRO A 314 -10.74 18.85 -13.01
CA PRO A 314 -11.26 17.89 -14.00
C PRO A 314 -10.17 17.18 -14.76
N GLU A 315 -8.98 17.78 -14.88
CA GLU A 315 -7.87 17.16 -15.57
C GLU A 315 -7.32 15.94 -14.84
N LEU A 316 -7.69 15.75 -13.58
CA LEU A 316 -7.24 14.59 -12.81
C LEU A 316 -8.35 13.56 -12.63
N SER A 317 -9.42 13.64 -13.43
CA SER A 317 -10.56 12.73 -13.28
C SER A 317 -10.14 11.28 -13.27
N GLU A 318 -9.22 10.90 -14.16
CA GLU A 318 -8.80 9.51 -14.21
C GLU A 318 -8.11 9.09 -12.91
N TRP A 319 -7.27 9.98 -12.35
CA TRP A 319 -6.59 9.66 -11.09
C TRP A 319 -7.59 9.43 -9.96
N PHE A 320 -8.58 10.34 -9.83
CA PHE A 320 -9.59 10.16 -8.79
C PHE A 320 -10.30 8.83 -8.93
N GLU A 321 -10.72 8.49 -10.16
CA GLU A 321 -11.39 7.22 -10.39
C GLU A 321 -10.51 6.04 -10.00
N ARG A 322 -9.20 6.11 -10.34
CA ARG A 322 -8.32 4.99 -10.03
CA ARG A 322 -8.26 5.05 -10.04
C ARG A 322 -8.13 4.83 -8.53
N ILE A 323 -8.18 5.91 -7.76
CA ILE A 323 -8.12 5.78 -6.30
C ILE A 323 -9.36 5.06 -5.79
N ALA A 324 -10.52 5.38 -6.36
CA ALA A 324 -11.75 4.69 -6.00
C ALA A 324 -11.62 3.20 -6.30
N TYR A 325 -11.11 2.85 -7.49
CA TYR A 325 -10.95 1.44 -7.84
C TYR A 325 -9.97 0.75 -6.90
N MET A 326 -8.89 1.44 -6.55
CA MET A 326 -7.91 0.85 -5.65
C MET A 326 -8.53 0.55 -4.29
N THR A 327 -9.41 1.44 -3.82
CA THR A 327 -10.06 1.24 -2.52
C THR A 327 -10.95 0.00 -2.55
N VAL A 328 -11.80 -0.12 -3.57
CA VAL A 328 -12.62 -1.31 -3.76
C VAL A 328 -11.76 -2.54 -3.96
N GLY A 329 -10.56 -2.37 -4.51
CA GLY A 329 -9.67 -3.50 -4.71
C GLY A 329 -9.36 -4.27 -3.45
N TRP A 330 -9.34 -3.58 -2.30
CA TRP A 330 -9.08 -4.29 -1.06
C TRP A 330 -10.19 -5.28 -0.73
N ILE A 331 -11.42 -5.00 -1.16
CA ILE A 331 -12.49 -5.98 -0.97
C ILE A 331 -12.16 -7.27 -1.70
N TYR A 332 -11.77 -7.16 -2.96
CA TYR A 332 -11.47 -8.36 -3.75
C TYR A 332 -10.22 -9.06 -3.27
N ILE A 333 -9.23 -8.31 -2.78
CA ILE A 333 -8.03 -8.93 -2.22
C ILE A 333 -8.39 -9.82 -1.03
N HIS A 334 -9.32 -9.37 -0.19
CA HIS A 334 -9.65 -10.11 1.03
C HIS A 334 -10.74 -11.15 0.82
N LYS A 335 -11.66 -10.93 -0.12
CA LYS A 335 -12.74 -11.88 -0.33
C LYS A 335 -12.47 -12.89 -1.44
N THR A 336 -11.57 -12.59 -2.37
CA THR A 336 -11.42 -13.43 -3.55
C THR A 336 -9.99 -13.90 -3.81
N VAL A 337 -8.98 -13.06 -3.58
CA VAL A 337 -7.65 -13.27 -4.18
C VAL A 337 -6.67 -13.98 -3.24
N VAL A 338 -6.48 -13.49 -2.02
CA VAL A 338 -5.43 -13.97 -1.13
C VAL A 338 -5.96 -15.16 -0.34
N PRO A 339 -5.37 -16.37 -0.48
CA PRO A 339 -5.96 -17.55 0.19
C PRO A 339 -6.21 -17.39 1.68
N ARG A 340 -5.25 -16.85 2.43
CA ARG A 340 -5.42 -16.77 3.88
C ARG A 340 -6.51 -15.77 4.28
N TYR A 341 -6.81 -14.78 3.44
CA TYR A 341 -7.89 -13.86 3.74
C TYR A 341 -9.24 -14.44 3.34
N VAL A 342 -9.28 -15.15 2.21
CA VAL A 342 -10.53 -15.68 1.66
C VAL A 342 -11.16 -16.67 2.63
N SER A 343 -10.36 -17.37 3.43
CA SER A 343 -10.89 -18.38 4.33
C SER A 343 -11.49 -17.80 5.62
N SER A 344 -11.41 -16.48 5.84
CA SER A 344 -11.99 -15.91 7.05
C SER A 344 -13.49 -16.21 7.09
N PRO A 345 -14.02 -16.70 8.21
CA PRO A 345 -15.48 -16.84 8.33
C PRO A 345 -16.16 -15.52 8.64
N PHE A 346 -15.38 -14.48 8.86
CA PHE A 346 -15.87 -13.14 9.21
C PHE A 346 -15.61 -12.23 8.02
N GLN A 347 -16.66 -11.90 7.31
CA GLN A 347 -16.54 -11.10 6.09
C GLN A 347 -17.72 -10.17 5.96
N ILE A 348 -17.54 -9.14 5.16
CA ILE A 348 -18.61 -8.23 4.85
C ILE A 348 -19.22 -8.65 3.51
N GLU A 349 -20.37 -8.06 3.18
CA GLU A 349 -21.08 -8.34 1.94
C GLU A 349 -21.30 -7.02 1.23
N VAL A 350 -20.94 -6.97 -0.05
CA VAL A 350 -21.09 -5.75 -0.84
C VAL A 350 -22.48 -5.69 -1.42
N VAL A 351 -23.11 -4.52 -1.30
CA VAL A 351 -24.35 -4.21 -2.00
C VAL A 351 -24.04 -3.08 -2.98
N GLU A 352 -24.30 -3.32 -4.25
CA GLU A 352 -23.98 -2.34 -5.28
C GLU A 352 -25.09 -1.31 -5.41
N ILE A 353 -24.67 -0.05 -5.59
CA ILE A 353 -25.57 1.08 -5.72
C ILE A 353 -25.58 1.51 -7.18
N HIS A 354 -26.74 1.52 -7.80
CA HIS A 354 -26.77 1.94 -9.19
C HIS A 354 -26.93 3.45 -9.29
N GLU A 355 -26.63 3.98 -10.48
CA GLU A 355 -26.47 5.43 -10.64
C GLU A 355 -27.72 6.18 -10.23
N ASN A 356 -28.90 5.63 -10.50
CA ASN A 356 -30.16 6.28 -10.13
C ASN A 356 -30.28 6.48 -8.64
N MET A 357 -29.56 5.70 -7.83
CA MET A 357 -29.73 5.71 -6.39
C MET A 357 -28.53 6.28 -5.65
N ILE A 358 -27.57 6.86 -6.36
CA ILE A 358 -26.33 7.33 -5.72
C ILE A 358 -26.64 8.41 -4.69
N SER A 359 -27.46 9.39 -5.05
CA SER A 359 -27.70 10.49 -4.12
C SER A 359 -28.38 10.01 -2.86
N ASN A 360 -29.37 9.12 -3.00
CA ASN A 360 -30.06 8.64 -1.81
C ASN A 360 -29.18 7.72 -0.98
N TRP A 361 -28.27 6.97 -1.63
CA TRP A 361 -27.27 6.22 -0.88
C TRP A 361 -26.38 7.14 -0.05
N LEU A 362 -25.83 8.18 -0.67
CA LEU A 362 -24.91 9.05 0.05
C LEU A 362 -25.58 9.73 1.24
N LEU A 363 -26.87 10.07 1.11
CA LEU A 363 -27.57 10.73 2.20
C LEU A 363 -27.69 9.84 3.43
N LYS A 364 -27.84 8.54 3.23
CA LYS A 364 -28.13 7.60 4.32
C LYS A 364 -26.81 7.17 4.96
N LYS A 365 -26.44 7.87 6.02
CA LYS A 365 -25.16 7.65 6.68
C LYS A 365 -25.38 7.00 8.03
N ASP A 366 -24.30 6.40 8.55
CA ASP A 366 -24.28 5.77 9.87
C ASP A 366 -23.46 6.60 10.83
N ALA A 367 -24.02 6.88 12.01
CA ALA A 367 -23.35 7.78 12.94
C ALA A 367 -22.01 7.22 13.41
N TYR A 368 -21.98 5.92 13.73
CA TYR A 368 -20.73 5.34 14.22
C TYR A 368 -19.65 5.36 13.13
N GLY A 369 -19.97 4.88 11.93
CA GLY A 369 -18.98 4.86 10.86
C GLY A 369 -18.49 6.25 10.51
N GLN A 370 -19.40 7.22 10.48
CA GLN A 370 -18.99 8.58 10.17
C GLN A 370 -18.07 9.16 11.24
N ARG A 371 -18.32 8.82 12.51
CA ARG A 371 -17.46 9.34 13.57
C ARG A 371 -16.04 8.78 13.46
N VAL A 372 -15.92 7.49 13.15
CA VAL A 372 -14.60 6.90 12.98
C VAL A 372 -13.84 7.59 11.84
N VAL A 373 -14.50 7.80 10.70
CA VAL A 373 -13.85 8.43 9.55
C VAL A 373 -13.48 9.87 9.87
N GLN A 374 -14.37 10.59 10.54
CA GLN A 374 -14.09 11.99 10.83
C GLN A 374 -12.96 12.15 11.83
N GLN A 375 -12.91 11.26 12.84
CA GLN A 375 -11.81 11.31 13.79
C GLN A 375 -10.49 10.95 13.10
N PHE A 376 -10.53 9.97 12.19
CA PHE A 376 -9.32 9.58 11.48
C PHE A 376 -8.77 10.73 10.65
N LEU A 377 -9.64 11.42 9.92
CA LEU A 377 -9.17 12.48 9.03
C LEU A 377 -8.58 13.65 9.80
N LYS A 378 -8.87 13.77 11.10
CA LYS A 378 -8.22 14.79 11.91
C LYS A 378 -6.71 14.55 12.02
N ASN A 379 -6.24 13.32 11.84
CA ASN A 379 -4.80 13.06 11.82
C ASN A 379 -4.09 13.89 10.75
N LEU A 380 -4.77 14.16 9.64
CA LEU A 380 -4.12 14.84 8.52
C LEU A 380 -3.78 16.28 8.86
N ASN A 381 -4.54 16.91 9.75
CA ASN A 381 -4.25 18.28 10.16
C ASN A 381 -3.33 18.29 11.38
N MET A 389 6.95 12.15 8.56
CA MET A 389 6.63 13.05 7.46
C MET A 389 6.72 12.33 6.12
N LEU A 390 5.61 12.32 5.39
CA LEU A 390 5.56 11.65 4.10
C LEU A 390 5.88 12.56 2.93
N TYR A 391 5.72 13.87 3.09
CA TYR A 391 5.95 14.81 1.99
C TYR A 391 6.39 16.17 2.52
#